data_3OMB
#
_entry.id   3OMB
#
_cell.length_a   54.949
_cell.length_b   70.099
_cell.length_c   122.177
_cell.angle_alpha   90.000
_cell.angle_beta   90.000
_cell.angle_gamma   90.000
#
_symmetry.space_group_name_H-M   'P 21 21 21'
#
loop_
_entity.id
_entity.type
_entity.pdbx_description
1 polymer 'Extracellular solute-binding protein, family 1'
2 non-polymer 'MAGNESIUM ION'
3 water water
#
_entity_poly.entity_id   1
_entity_poly.type   'polypeptide(L)'
_entity_poly.pdbx_seq_one_letter_code
;G(MSE)RRQT(MSE)VKAGAVACAVALLGSLSACGGSKKSTTTADGKPIVTVLVKKNANQEK(MSE)AN(MSE)QWAKDL
EADCDCKIEWQEVTREAWAQQKNATLASGDIADVNLNGYGAVEAYQYPG(MSE)FEDLSKDLDKLPNVKAFFKQKPDAKK
(MSE)STDSKGRIYAIADGRGKAYSGTGQH(MSE)LINKAWLDKLGLQVPTTWDELENVLKAFKTQDPNGNGQADEIP
(MSE)NIKKLEGSYFTWYSP(MSE)LLLNSTGIVTGFNKGVSEYGFYAKNGVVKSFLTSDEYKEVIKYYHKLISEGLIPA
EWATKDDDAYNADQISDGKTAKTGVVFGWSPSDNFGKLKDQYIA(MSE)PVPSAPGVSPDQTVWDGSSSELSPAGLSISS
HAANKDAALKLANLLYSEKYSVQQFLGSFGKAITKTGEHEYTVDNDKLSQLTGDNQYPGLSELLVGWIPDEATIKGDTHA
DELIEVNKVYEEQRSHFDPVKDYIPDYVN(MSE)DN(MSE)DPSDATKLNTNNAEIFNTT(MSE)QKTATW(MSE)SKGG
IDEEWDAYCKQLDSIGLQESTKIWQKWYDTYTK
;
_entity_poly.pdbx_strand_id   A
#
# COMPACT_ATOMS: atom_id res chain seq x y z
N THR A 33 -15.61 35.43 5.02
CA THR A 33 -15.35 34.39 3.97
C THR A 33 -14.77 35.00 2.69
N THR A 34 -14.49 36.30 2.74
CA THR A 34 -14.03 37.04 1.57
C THR A 34 -12.91 38.04 1.91
N THR A 35 -11.93 38.19 1.01
CA THR A 35 -10.82 39.13 1.22
C THR A 35 -11.25 40.59 1.07
N ALA A 36 -10.30 41.50 1.27
CA ALA A 36 -10.52 42.93 1.04
C ALA A 36 -10.74 43.26 -0.44
N ASP A 37 -10.04 42.51 -1.31
CA ASP A 37 -10.17 42.63 -2.77
C ASP A 37 -11.36 41.84 -3.29
N GLY A 38 -12.10 41.22 -2.37
CA GLY A 38 -13.29 40.46 -2.71
C GLY A 38 -13.04 39.06 -3.23
N LYS A 39 -11.83 38.52 -3.00
CA LYS A 39 -11.53 37.14 -3.38
C LYS A 39 -12.09 36.23 -2.31
N PRO A 40 -12.68 35.09 -2.74
CA PRO A 40 -13.21 34.09 -1.81
C PRO A 40 -12.09 33.47 -0.96
N ILE A 41 -12.39 33.17 0.29
CA ILE A 41 -11.44 32.46 1.15
C ILE A 41 -11.84 30.98 1.19
N VAL A 42 -10.86 30.12 1.02
CA VAL A 42 -11.11 28.69 1.03
C VAL A 42 -10.23 28.02 2.09
N THR A 43 -10.87 27.39 3.08
CA THR A 43 -10.16 26.56 4.04
C THR A 43 -9.90 25.19 3.44
N VAL A 44 -8.67 24.71 3.60
CA VAL A 44 -8.27 23.41 3.06
C VAL A 44 -7.52 22.67 4.13
N LEU A 45 -8.05 21.54 4.55
CA LEU A 45 -7.33 20.63 5.42
C LEU A 45 -6.44 19.73 4.52
N VAL A 46 -5.18 19.52 4.92
CA VAL A 46 -4.24 18.72 4.15
C VAL A 46 -3.37 17.87 5.10
N LYS A 47 -3.43 16.57 4.89
CA LYS A 47 -2.57 15.63 5.61
C LYS A 47 -1.17 15.68 5.02
N LYS A 48 -0.17 15.66 5.90
CA LYS A 48 1.25 15.78 5.54
C LYS A 48 2.09 14.63 6.11
N ASN A 49 3.24 14.35 5.50
CA ASN A 49 4.27 13.53 6.15
C ASN A 49 5.13 14.51 6.95
N ALA A 50 5.69 14.06 8.08
CA ALA A 50 6.60 14.93 8.87
C ALA A 50 7.83 15.46 8.10
N ASN A 51 8.26 14.77 7.05
CA ASN A 51 9.44 15.24 6.32
C ASN A 51 9.16 16.34 5.28
N GLN A 52 7.92 16.79 5.21
CA GLN A 52 7.52 17.78 4.23
C GLN A 52 7.63 19.23 4.73
N GLU A 53 8.04 20.08 3.80
CA GLU A 53 8.00 21.52 3.93
C GLU A 53 6.55 22.01 4.22
N LYS A 54 6.43 23.15 4.89
CA LYS A 54 5.12 23.76 5.14
C LYS A 54 4.52 24.27 3.82
N ALA A 56 2.94 26.91 3.19
CA ALA A 56 3.28 28.31 2.97
C ALA A 56 4.61 28.50 2.20
N ASN A 57 5.53 27.54 2.26
CA ASN A 57 6.82 27.64 1.55
C ASN A 57 6.84 26.95 0.19
N GLN A 59 5.98 26.91 -3.62
CA GLN A 59 5.63 27.84 -4.69
C GLN A 59 4.37 27.37 -5.43
N TRP A 60 4.25 26.08 -5.69
CA TRP A 60 3.09 25.59 -6.44
C TRP A 60 1.77 25.90 -5.70
N ALA A 61 1.82 25.94 -4.38
CA ALA A 61 0.63 26.21 -3.56
C ALA A 61 0.21 27.68 -3.70
N LYS A 62 1.19 28.55 -3.90
CA LYS A 62 0.92 29.97 -4.18
C LYS A 62 0.43 30.18 -5.60
N ASP A 63 1.04 29.49 -6.57
CA ASP A 63 0.55 29.46 -7.96
C ASP A 63 -0.88 28.99 -8.03
N LEU A 64 -1.17 27.91 -7.33
CA LEU A 64 -2.53 27.37 -7.27
C LEU A 64 -3.52 28.43 -6.76
N GLU A 65 -3.18 29.09 -5.66
CA GLU A 65 -3.99 30.15 -5.10
C GLU A 65 -4.27 31.24 -6.16
N ALA A 66 -3.22 31.70 -6.84
CA ALA A 66 -3.37 32.73 -7.89
C ALA A 66 -4.22 32.25 -9.07
N ASP A 67 -4.06 31.00 -9.49
CA ASP A 67 -4.86 30.45 -10.59
C ASP A 67 -6.34 30.35 -10.20
N CYS A 68 -6.60 30.11 -8.92
N CYS A 68 -6.59 30.09 -8.93
CA CYS A 68 -7.95 29.99 -8.43
CA CYS A 68 -7.93 30.02 -8.37
C CYS A 68 -8.56 31.35 -8.08
C CYS A 68 -8.55 31.40 -8.26
N ASP A 69 -7.72 32.38 -7.94
CA ASP A 69 -8.17 33.75 -7.68
C ASP A 69 -8.91 33.75 -6.34
N CYS A 70 -8.34 33.06 -5.38
CA CYS A 70 -8.93 32.97 -4.06
C CYS A 70 -7.81 33.08 -3.02
N LYS A 71 -8.16 32.99 -1.76
CA LYS A 71 -7.15 32.97 -0.71
C LYS A 71 -7.31 31.63 -0.02
N ILE A 72 -6.23 30.87 0.06
CA ILE A 72 -6.29 29.54 0.69
C ILE A 72 -5.77 29.63 2.12
N GLU A 73 -6.57 29.17 3.08
CA GLU A 73 -6.11 29.04 4.48
C GLU A 73 -5.84 27.55 4.71
N TRP A 74 -4.55 27.18 4.76
CA TRP A 74 -4.14 25.77 4.89
C TRP A 74 -4.25 25.30 6.32
N GLN A 75 -4.81 24.12 6.52
CA GLN A 75 -4.75 23.54 7.84
C GLN A 75 -3.98 22.23 7.74
N GLU A 76 -2.70 22.26 8.11
CA GLU A 76 -1.81 21.13 7.89
C GLU A 76 -1.81 20.19 9.07
N VAL A 77 -2.03 18.90 8.81
CA VAL A 77 -2.03 17.91 9.88
C VAL A 77 -1.17 16.71 9.47
N THR A 78 -0.32 16.22 10.38
CA THR A 78 0.46 15.00 10.10
C THR A 78 -0.43 13.75 10.22
N ARG A 79 0.08 12.63 9.71
CA ARG A 79 -0.66 11.36 9.73
C ARG A 79 -1.14 11.00 11.12
N GLU A 80 -0.28 11.25 12.11
CA GLU A 80 -0.44 10.80 13.49
C GLU A 80 -1.27 11.81 14.30
N ALA A 81 -1.09 13.09 14.02
CA ALA A 81 -1.85 14.16 14.66
C ALA A 81 -3.30 14.11 14.24
N TRP A 82 -3.54 13.81 12.97
CA TRP A 82 -4.90 13.77 12.42
C TRP A 82 -5.72 12.63 13.03
N ALA A 83 -5.08 11.47 13.22
CA ALA A 83 -5.72 10.28 13.79
C ALA A 83 -6.40 10.58 15.11
N GLN A 84 -5.80 11.49 15.90
CA GLN A 84 -6.39 11.95 17.15
C GLN A 84 -7.42 13.06 16.98
N GLN A 85 -7.18 13.94 16.02
CA GLN A 85 -7.99 15.11 15.78
C GLN A 85 -9.28 14.83 14.98
N LYS A 86 -9.26 13.76 14.16
CA LYS A 86 -10.33 13.47 13.19
C LYS A 86 -11.76 13.38 13.73
N ASN A 87 -12.04 12.33 14.50
CA ASN A 87 -13.39 12.10 15.04
C ASN A 87 -13.89 13.27 15.88
N ALA A 88 -12.97 13.92 16.57
CA ALA A 88 -13.27 15.18 17.24
C ALA A 88 -13.81 16.25 16.29
N THR A 89 -13.29 16.29 15.06
CA THR A 89 -13.71 17.26 14.04
C THR A 89 -15.09 16.94 13.46
N LEU A 90 -15.33 15.66 13.21
CA LEU A 90 -16.63 15.22 12.70
C LEU A 90 -17.73 15.42 13.75
N ALA A 91 -17.43 15.08 15.00
CA ALA A 91 -18.33 15.32 16.13
C ALA A 91 -18.59 16.82 16.26
N SER A 92 -17.52 17.59 16.09
CA SER A 92 -17.55 19.05 16.07
C SER A 92 -18.57 19.61 15.06
N GLY A 93 -18.73 18.92 13.93
CA GLY A 93 -19.59 19.39 12.85
C GLY A 93 -18.97 20.48 11.97
N ASP A 94 -17.72 20.83 12.26
CA ASP A 94 -17.04 21.95 11.59
C ASP A 94 -15.84 21.46 10.81
N ILE A 95 -16.01 21.28 9.50
CA ILE A 95 -14.94 20.75 8.68
C ILE A 95 -14.42 21.81 7.71
N ALA A 96 -13.21 21.61 7.17
CA ALA A 96 -12.66 22.55 6.20
C ALA A 96 -13.47 22.48 4.91
N ASP A 97 -13.45 23.54 4.13
CA ASP A 97 -14.14 23.56 2.83
C ASP A 97 -13.68 22.43 1.90
N VAL A 98 -12.37 22.31 1.76
CA VAL A 98 -11.74 21.29 0.94
C VAL A 98 -10.87 20.45 1.87
N ASN A 99 -10.90 19.13 1.68
CA ASN A 99 -10.20 18.23 2.58
C ASN A 99 -9.38 17.24 1.77
N LEU A 100 -8.07 17.25 2.02
CA LEU A 100 -7.13 16.40 1.30
C LEU A 100 -6.67 15.26 2.20
N ASN A 101 -7.05 14.03 1.83
CA ASN A 101 -6.77 12.84 2.61
C ASN A 101 -7.23 12.99 4.05
N GLY A 102 -8.39 13.63 4.22
CA GLY A 102 -8.97 13.81 5.55
C GLY A 102 -9.97 12.72 5.89
N TYR A 103 -10.86 12.43 4.95
CA TYR A 103 -12.04 11.62 5.21
C TYR A 103 -12.27 10.60 4.12
N GLY A 104 -12.98 9.53 4.45
CA GLY A 104 -13.45 8.60 3.44
C GLY A 104 -14.94 8.80 3.26
N ALA A 105 -15.48 8.22 2.19
CA ALA A 105 -16.88 8.38 1.81
C ALA A 105 -17.91 7.87 2.83
N VAL A 106 -17.58 6.80 3.57
CA VAL A 106 -18.49 6.25 4.56
C VAL A 106 -18.86 7.30 5.61
N GLU A 107 -17.97 8.25 5.84
CA GLU A 107 -18.22 9.33 6.80
C GLU A 107 -19.31 10.31 6.38
N ALA A 108 -19.47 10.47 5.07
CA ALA A 108 -20.59 11.21 4.53
C ALA A 108 -21.94 10.56 4.87
N TYR A 109 -21.92 9.25 5.07
CA TYR A 109 -23.11 8.49 5.50
C TYR A 109 -23.26 8.45 7.02
N GLN A 110 -22.13 8.45 7.74
CA GLN A 110 -22.16 8.52 9.18
C GLN A 110 -22.61 9.91 9.68
N TYR A 111 -22.26 10.95 8.95
CA TYR A 111 -22.64 12.31 9.30
C TYR A 111 -23.39 12.91 8.12
N PRO A 112 -24.71 12.62 8.03
CA PRO A 112 -25.50 13.08 6.88
C PRO A 112 -25.40 14.58 6.65
N GLY A 113 -25.33 14.97 5.38
CA GLY A 113 -25.30 16.38 4.98
C GLY A 113 -24.04 17.16 5.28
N PHE A 115 -20.99 16.35 3.79
CA PHE A 115 -20.13 16.32 2.61
C PHE A 115 -20.91 16.52 1.34
N GLU A 116 -20.30 17.23 0.38
CA GLU A 116 -20.90 17.48 -0.91
C GLU A 116 -20.90 16.20 -1.74
N ASP A 117 -22.04 15.92 -2.39
CA ASP A 117 -22.09 14.84 -3.37
C ASP A 117 -21.56 15.37 -4.70
N LEU A 118 -20.27 15.13 -4.93
CA LEU A 118 -19.57 15.65 -6.10
C LEU A 118 -20.09 15.12 -7.44
N SER A 119 -20.85 14.03 -7.43
CA SER A 119 -21.40 13.48 -8.65
C SER A 119 -22.35 14.47 -9.32
N LYS A 120 -22.96 15.34 -8.54
CA LYS A 120 -23.80 16.41 -9.08
C LYS A 120 -23.03 17.62 -9.62
N ASP A 121 -21.70 17.62 -9.48
CA ASP A 121 -20.85 18.78 -9.86
C ASP A 121 -19.74 18.46 -10.89
N LEU A 122 -19.87 17.36 -11.62
CA LEU A 122 -18.78 16.91 -12.51
C LEU A 122 -18.43 17.88 -13.65
N ASP A 123 -19.41 18.68 -14.06
CA ASP A 123 -19.19 19.70 -15.07
C ASP A 123 -18.23 20.79 -14.61
N LYS A 124 -18.15 20.98 -13.30
CA LYS A 124 -17.17 21.90 -12.72
C LYS A 124 -15.84 21.19 -12.44
N LEU A 125 -15.78 19.89 -12.74
CA LEU A 125 -14.57 19.09 -12.47
C LEU A 125 -14.06 18.34 -13.71
N PRO A 126 -13.82 19.07 -14.81
CA PRO A 126 -13.37 18.42 -16.05
C PRO A 126 -12.09 17.59 -15.87
N ASN A 127 -11.16 18.02 -15.04
CA ASN A 127 -9.93 17.24 -14.78
C ASN A 127 -10.19 15.92 -14.07
N VAL A 128 -11.21 15.91 -13.21
CA VAL A 128 -11.66 14.68 -12.55
C VAL A 128 -12.32 13.74 -13.56
N LYS A 129 -13.18 14.30 -14.42
CA LYS A 129 -13.80 13.51 -15.49
C LYS A 129 -12.73 12.86 -16.37
N ALA A 130 -11.68 13.60 -16.67
CA ALA A 130 -10.55 13.10 -17.47
C ALA A 130 -9.85 11.92 -16.78
N PHE A 131 -9.70 12.04 -15.46
CA PHE A 131 -9.08 11.04 -14.62
C PHE A 131 -9.93 9.77 -14.69
N PHE A 132 -11.24 9.92 -14.49
CA PHE A 132 -12.17 8.78 -14.52
C PHE A 132 -12.17 8.11 -15.90
N LYS A 133 -11.99 8.89 -16.97
CA LYS A 133 -12.04 8.31 -18.31
C LYS A 133 -10.82 7.43 -18.57
N GLN A 134 -9.64 7.92 -18.23
CA GLN A 134 -8.41 7.15 -18.42
C GLN A 134 -8.19 6.00 -17.39
N LYS A 135 -8.71 6.16 -16.17
CA LYS A 135 -8.51 5.19 -15.11
C LYS A 135 -9.87 4.79 -14.56
N PRO A 136 -10.56 3.85 -15.24
CA PRO A 136 -11.90 3.53 -14.77
C PRO A 136 -11.93 2.92 -13.38
N ASP A 137 -10.80 2.40 -12.89
CA ASP A 137 -10.80 1.88 -11.51
C ASP A 137 -10.87 3.00 -10.45
N ALA A 138 -10.39 4.21 -10.81
CA ALA A 138 -10.51 5.40 -9.97
C ALA A 138 -11.93 5.90 -9.90
N LYS A 139 -12.65 5.83 -11.01
CA LYS A 139 -14.09 6.13 -11.01
C LYS A 139 -14.83 5.21 -10.04
N LYS A 140 -14.48 3.93 -10.09
CA LYS A 140 -15.16 2.94 -9.28
C LYS A 140 -14.82 3.12 -7.80
N SER A 142 -14.12 5.96 -6.54
CA SER A 142 -14.71 7.24 -6.14
C SER A 142 -16.21 7.25 -6.01
N THR A 143 -16.89 6.23 -6.57
CA THR A 143 -18.34 6.17 -6.67
C THR A 143 -18.87 4.98 -5.85
N ASP A 144 -19.83 5.26 -4.98
CA ASP A 144 -20.43 4.18 -4.23
C ASP A 144 -21.57 3.51 -5.01
N SER A 145 -22.18 2.54 -4.38
CA SER A 145 -23.22 1.75 -5.02
C SER A 145 -24.50 2.57 -5.22
N LYS A 146 -24.61 3.72 -4.56
CA LYS A 146 -25.77 4.58 -4.73
C LYS A 146 -25.46 5.61 -5.82
N GLY A 147 -24.30 5.48 -6.45
CA GLY A 147 -23.81 6.42 -7.48
C GLY A 147 -23.35 7.77 -6.95
N ARG A 148 -23.18 7.90 -5.64
CA ARG A 148 -22.70 9.18 -5.11
C ARG A 148 -21.16 9.26 -5.09
N ILE A 149 -20.64 10.47 -5.13
CA ILE A 149 -19.18 10.65 -5.07
C ILE A 149 -18.87 11.58 -3.91
N TYR A 150 -18.44 11.01 -2.80
CA TYR A 150 -18.17 11.80 -1.62
C TYR A 150 -16.68 12.03 -1.43
N ALA A 151 -15.86 11.14 -2.00
CA ALA A 151 -14.44 11.19 -1.80
C ALA A 151 -13.77 10.71 -3.07
N ILE A 152 -13.07 11.62 -3.74
CA ILE A 152 -12.41 11.29 -5.00
C ILE A 152 -11.04 10.68 -4.74
N ALA A 153 -10.73 9.63 -5.50
CA ALA A 153 -9.44 8.97 -5.42
C ALA A 153 -8.34 9.83 -6.03
N ASP A 154 -7.12 9.39 -5.85
CA ASP A 154 -5.97 10.04 -6.50
C ASP A 154 -5.06 8.99 -7.14
N GLY A 155 -4.16 9.42 -8.00
CA GLY A 155 -3.24 8.49 -8.67
C GLY A 155 -1.85 9.08 -8.80
N ARG A 156 -0.86 8.21 -8.67
CA ARG A 156 0.56 8.55 -8.62
C ARG A 156 1.21 8.33 -9.97
N GLY A 157 0.45 7.89 -10.97
CA GLY A 157 1.04 7.61 -12.29
C GLY A 157 1.26 6.14 -12.61
N LYS A 158 1.19 5.83 -13.90
CA LYS A 158 1.32 4.47 -14.40
C LYS A 158 2.66 3.82 -13.99
N ALA A 159 3.67 4.62 -13.68
CA ALA A 159 4.93 4.02 -13.23
C ALA A 159 4.71 3.24 -11.94
N TYR A 160 3.65 3.55 -11.21
CA TYR A 160 3.36 2.88 -9.94
C TYR A 160 2.23 1.86 -10.06
N SER A 161 1.89 1.49 -11.30
CA SER A 161 0.73 0.62 -11.50
C SER A 161 0.91 -0.82 -10.96
N GLY A 162 2.15 -1.30 -10.84
CA GLY A 162 2.38 -2.64 -10.30
C GLY A 162 2.33 -2.74 -8.77
N THR A 163 2.58 -3.93 -8.25
CA THR A 163 2.51 -4.15 -6.80
C THR A 163 3.67 -3.55 -6.07
N GLY A 164 3.47 -3.21 -4.79
CA GLY A 164 4.58 -2.76 -3.96
C GLY A 164 5.29 -3.91 -3.26
N GLN A 165 4.74 -5.12 -3.38
CA GLN A 165 5.29 -6.30 -2.70
C GLN A 165 6.21 -7.09 -3.61
N HIS A 166 7.42 -7.39 -3.15
CA HIS A 166 8.37 -8.17 -3.91
C HIS A 166 9.17 -9.06 -2.98
N LEU A 168 12.96 -10.47 -2.47
CA LEU A 168 14.32 -10.11 -2.88
C LEU A 168 15.31 -11.16 -2.44
N ILE A 169 16.32 -11.42 -3.26
CA ILE A 169 17.31 -12.44 -2.90
C ILE A 169 18.71 -11.99 -3.25
N ASN A 170 19.68 -12.38 -2.41
CA ASN A 170 21.06 -12.06 -2.68
C ASN A 170 21.58 -12.97 -3.78
N LYS A 171 21.56 -12.44 -5.00
CA LYS A 171 22.04 -13.07 -6.22
C LYS A 171 23.58 -13.29 -6.23
N ALA A 172 24.36 -12.39 -5.65
CA ALA A 172 25.81 -12.63 -5.52
C ALA A 172 26.09 -13.85 -4.67
N TRP A 173 25.30 -14.07 -3.62
CA TRP A 173 25.47 -15.24 -2.76
C TRP A 173 25.15 -16.49 -3.53
N LEU A 174 24.07 -16.45 -4.32
CA LEU A 174 23.72 -17.60 -5.15
C LEU A 174 24.87 -17.94 -6.11
N ASP A 175 25.36 -16.92 -6.82
CA ASP A 175 26.49 -17.08 -7.75
C ASP A 175 27.72 -17.65 -7.06
N LYS A 176 28.15 -17.00 -5.98
CA LYS A 176 29.28 -17.46 -5.18
C LYS A 176 29.17 -18.94 -4.76
N LEU A 177 27.97 -19.40 -4.44
CA LEU A 177 27.77 -20.75 -3.94
C LEU A 177 27.43 -21.70 -5.08
N GLY A 178 27.31 -21.19 -6.31
CA GLY A 178 26.97 -22.04 -7.45
C GLY A 178 25.55 -22.58 -7.42
N LEU A 179 24.59 -21.74 -7.02
CA LEU A 179 23.18 -22.16 -6.84
C LEU A 179 22.30 -21.34 -7.74
N GLN A 180 21.12 -21.87 -8.06
N GLN A 180 21.10 -21.85 -7.99
CA GLN A 180 20.13 -21.14 -8.87
CA GLN A 180 20.11 -21.19 -8.82
C GLN A 180 19.04 -20.55 -7.98
C GLN A 180 19.02 -20.57 -7.96
N VAL A 181 18.34 -19.55 -8.52
CA VAL A 181 17.15 -18.98 -7.91
C VAL A 181 16.16 -20.14 -7.70
N PRO A 182 15.66 -20.34 -6.44
CA PRO A 182 14.80 -21.50 -6.21
C PRO A 182 13.40 -21.28 -6.72
N THR A 183 12.76 -22.35 -7.16
CA THR A 183 11.44 -22.25 -7.77
C THR A 183 10.42 -23.10 -7.05
N THR A 184 10.84 -23.75 -5.96
CA THR A 184 9.94 -24.53 -5.12
C THR A 184 10.31 -24.27 -3.68
N TRP A 185 9.40 -24.59 -2.76
CA TRP A 185 9.65 -24.46 -1.32
C TRP A 185 10.85 -25.32 -0.90
N ASP A 186 10.96 -26.53 -1.45
CA ASP A 186 12.12 -27.38 -1.14
C ASP A 186 13.44 -26.78 -1.62
N GLU A 187 13.46 -26.24 -2.84
CA GLU A 187 14.67 -25.60 -3.37
C GLU A 187 15.02 -24.39 -2.50
N LEU A 188 14.01 -23.60 -2.14
CA LEU A 188 14.22 -22.45 -1.24
C LEU A 188 14.87 -22.84 0.08
N GLU A 189 14.31 -23.87 0.73
CA GLU A 189 14.89 -24.38 1.97
C GLU A 189 16.36 -24.79 1.77
N ASN A 190 16.67 -25.51 0.69
N ASN A 190 16.65 -25.53 0.69
CA ASN A 190 18.06 -25.87 0.39
CA ASN A 190 18.03 -25.90 0.29
C ASN A 190 18.99 -24.66 0.17
C ASN A 190 18.96 -24.67 0.18
N VAL A 191 18.51 -23.66 -0.56
CA VAL A 191 19.25 -22.41 -0.70
C VAL A 191 19.48 -21.73 0.66
N LEU A 192 18.46 -21.68 1.52
CA LEU A 192 18.65 -21.03 2.83
C LEU A 192 19.64 -21.79 3.72
N LYS A 193 19.64 -23.12 3.65
CA LYS A 193 20.60 -23.89 4.45
C LYS A 193 22.01 -23.62 3.98
N ALA A 194 22.21 -23.49 2.67
CA ALA A 194 23.50 -23.05 2.09
C ALA A 194 23.90 -21.63 2.54
N PHE A 195 22.98 -20.67 2.50
CA PHE A 195 23.29 -19.34 3.09
C PHE A 195 23.71 -19.44 4.56
N LYS A 196 23.05 -20.32 5.31
CA LYS A 196 23.29 -20.48 6.74
C LYS A 196 24.71 -20.97 7.02
N THR A 197 25.17 -21.98 6.27
N THR A 197 25.16 -22.00 6.29
CA THR A 197 26.34 -22.77 6.64
CA THR A 197 26.36 -22.77 6.65
C THR A 197 27.60 -22.58 5.77
C THR A 197 27.62 -22.52 5.79
N GLN A 198 27.46 -21.95 4.61
CA GLN A 198 28.59 -21.84 3.67
C GLN A 198 29.23 -20.45 3.59
N ASP A 199 28.96 -19.62 4.59
CA ASP A 199 29.58 -18.31 4.68
C ASP A 199 29.64 -17.49 3.35
N PRO A 200 28.49 -17.24 2.69
CA PRO A 200 28.57 -16.60 1.37
C PRO A 200 29.04 -15.15 1.36
N ASN A 201 29.01 -14.45 2.51
CA ASN A 201 29.62 -13.11 2.57
C ASN A 201 31.14 -13.14 2.86
N GLY A 202 31.69 -14.35 2.91
CA GLY A 202 33.14 -14.55 3.03
C GLY A 202 33.87 -14.09 4.29
N ASN A 203 33.18 -13.66 5.35
CA ASN A 203 33.93 -13.07 6.47
C ASN A 203 34.36 -14.08 7.53
N GLY A 204 34.00 -15.34 7.31
CA GLY A 204 34.35 -16.44 8.21
C GLY A 204 33.32 -16.61 9.33
N GLN A 205 32.51 -15.58 9.55
CA GLN A 205 31.51 -15.63 10.62
C GLN A 205 30.20 -16.27 10.13
N ALA A 206 29.58 -17.03 11.02
CA ALA A 206 28.23 -17.53 10.80
C ALA A 206 27.22 -16.44 11.16
N ASP A 207 27.30 -15.33 10.44
CA ASP A 207 26.50 -14.15 10.68
C ASP A 207 25.34 -14.01 9.68
N GLU A 208 25.34 -14.78 8.60
CA GLU A 208 24.26 -14.70 7.60
C GLU A 208 22.88 -15.02 8.23
N ILE A 209 21.90 -14.14 7.99
CA ILE A 209 20.50 -14.42 8.28
C ILE A 209 19.92 -14.93 6.97
N PRO A 210 19.65 -16.25 6.85
CA PRO A 210 19.28 -16.73 5.51
C PRO A 210 18.03 -16.03 4.95
N ASN A 212 14.95 -13.18 6.33
CA ASN A 212 14.42 -12.36 7.42
C ASN A 212 12.97 -12.00 7.14
N ILE A 213 12.15 -12.02 8.19
CA ILE A 213 10.72 -11.72 8.05
C ILE A 213 10.31 -10.71 9.14
N LYS A 214 9.28 -9.91 8.80
CA LYS A 214 8.68 -8.93 9.68
C LYS A 214 7.79 -9.57 10.75
N LYS A 215 7.76 -8.97 11.94
CA LYS A 215 6.83 -9.41 12.96
C LYS A 215 5.41 -9.17 12.47
N LEU A 216 4.47 -9.93 13.00
CA LEU A 216 3.05 -9.75 12.65
C LEU A 216 2.49 -8.56 13.43
N GLU A 217 1.61 -7.78 12.80
CA GLU A 217 0.83 -6.76 13.51
C GLU A 217 -0.48 -7.38 13.98
N GLY A 218 -0.99 -6.87 15.10
CA GLY A 218 -2.16 -7.46 15.76
C GLY A 218 -3.43 -7.46 14.92
N SER A 219 -3.67 -6.37 14.19
CA SER A 219 -4.97 -6.17 13.53
C SER A 219 -5.05 -6.28 11.98
N TYR A 220 -3.93 -6.55 11.31
CA TYR A 220 -3.89 -6.61 9.84
C TYR A 220 -2.59 -7.22 9.33
N PHE A 221 -2.62 -7.81 8.13
CA PHE A 221 -1.38 -8.21 7.46
C PHE A 221 -0.69 -6.98 6.82
N THR A 222 0.60 -6.84 7.08
CA THR A 222 1.34 -5.63 6.72
C THR A 222 1.95 -5.71 5.31
N TRP A 223 2.47 -4.56 4.87
CA TRP A 223 3.38 -4.55 3.74
C TRP A 223 4.50 -5.52 4.08
N TYR A 224 4.88 -6.31 3.07
CA TYR A 224 6.03 -7.18 3.16
C TYR A 224 5.77 -8.30 4.17
N SER A 225 4.50 -8.60 4.45
CA SER A 225 4.13 -9.65 5.38
C SER A 225 4.75 -10.98 4.99
N PRO A 226 5.17 -11.78 5.99
CA PRO A 226 5.59 -13.15 5.69
C PRO A 226 4.51 -13.97 4.98
N LEU A 228 3.01 -13.27 2.43
CA LEU A 228 3.17 -13.20 0.98
C LEU A 228 3.48 -14.56 0.38
N LEU A 229 3.92 -15.50 1.22
CA LEU A 229 4.12 -16.88 0.76
C LEU A 229 2.82 -17.58 0.43
N LEU A 230 1.69 -16.97 0.78
CA LEU A 230 0.39 -17.49 0.32
C LEU A 230 0.27 -17.56 -1.20
N ASN A 231 0.96 -16.65 -1.90
CA ASN A 231 0.99 -16.64 -3.35
C ASN A 231 1.59 -17.93 -3.93
N SER A 232 2.54 -18.54 -3.22
CA SER A 232 3.09 -19.88 -3.56
C SER A 232 2.04 -20.97 -3.66
N THR A 233 0.97 -20.81 -2.90
CA THR A 233 -0.05 -21.85 -2.79
C THR A 233 -1.17 -21.61 -3.76
N GLY A 234 -1.08 -20.52 -4.53
CA GLY A 234 -2.14 -20.22 -5.50
C GLY A 234 -3.19 -19.21 -5.01
N ILE A 235 -3.00 -18.66 -3.82
CA ILE A 235 -3.92 -17.62 -3.31
C ILE A 235 -3.29 -16.25 -3.58
N VAL A 236 -4.01 -15.37 -4.30
CA VAL A 236 -3.50 -14.03 -4.62
C VAL A 236 -3.69 -13.08 -3.44
N THR A 237 -2.58 -12.50 -2.95
CA THR A 237 -2.64 -11.47 -1.90
C THR A 237 -2.81 -10.05 -2.47
N GLY A 238 -3.24 -9.11 -1.63
CA GLY A 238 -3.20 -7.69 -2.03
C GLY A 238 -2.87 -6.83 -0.85
N PHE A 239 -1.62 -6.90 -0.40
CA PHE A 239 -1.22 -6.29 0.85
C PHE A 239 -0.84 -4.80 0.78
N ASN A 240 -0.92 -4.14 -0.38
CA ASN A 240 -0.72 -2.68 -0.40
C ASN A 240 -1.79 -1.96 0.43
N LYS A 241 -3.05 -2.38 0.27
CA LYS A 241 -4.19 -1.77 0.93
C LYS A 241 -5.42 -2.67 0.72
N GLY A 242 -6.44 -2.47 1.54
CA GLY A 242 -7.73 -3.07 1.31
C GLY A 242 -7.94 -4.42 1.94
N VAL A 243 -8.89 -5.14 1.39
CA VAL A 243 -9.47 -6.32 2.02
C VAL A 243 -8.51 -7.45 2.40
N SER A 244 -7.50 -7.73 1.58
N SER A 244 -7.49 -7.68 1.57
CA SER A 244 -6.65 -8.88 1.89
CA SER A 244 -6.54 -8.78 1.77
C SER A 244 -5.78 -8.70 3.12
C SER A 244 -5.84 -8.69 3.11
N GLU A 245 -5.63 -7.47 3.59
CA GLU A 245 -4.92 -7.25 4.84
C GLU A 245 -5.75 -7.70 6.06
N TYR A 246 -7.04 -7.99 5.86
CA TYR A 246 -7.85 -8.61 6.91
C TYR A 246 -8.03 -10.11 6.67
N GLY A 247 -7.36 -10.65 5.66
CA GLY A 247 -7.33 -12.09 5.50
C GLY A 247 -8.33 -12.64 4.49
N PHE A 248 -8.90 -11.78 3.66
CA PHE A 248 -9.83 -12.25 2.62
C PHE A 248 -9.18 -12.36 1.25
N TYR A 249 -9.72 -13.24 0.41
CA TYR A 249 -9.28 -13.37 -0.95
C TYR A 249 -10.44 -13.86 -1.81
N ALA A 250 -10.24 -13.92 -3.12
CA ALA A 250 -11.23 -14.53 -4.02
C ALA A 250 -10.59 -15.49 -5.00
N LYS A 251 -11.37 -16.49 -5.38
CA LYS A 251 -10.97 -17.38 -6.47
C LYS A 251 -12.24 -17.84 -7.17
N ASN A 252 -12.23 -17.78 -8.50
CA ASN A 252 -13.38 -18.16 -9.32
C ASN A 252 -14.65 -17.43 -8.92
N GLY A 253 -14.50 -16.19 -8.46
CA GLY A 253 -15.66 -15.37 -8.11
C GLY A 253 -16.20 -15.59 -6.70
N VAL A 254 -15.56 -16.43 -5.90
N VAL A 254 -15.51 -16.40 -5.92
CA VAL A 254 -16.03 -16.70 -4.54
CA VAL A 254 -15.91 -16.76 -4.55
C VAL A 254 -15.04 -16.21 -3.48
C VAL A 254 -14.97 -16.10 -3.54
N VAL A 255 -15.55 -15.34 -2.61
CA VAL A 255 -14.76 -14.75 -1.52
C VAL A 255 -14.60 -15.77 -0.41
N LYS A 256 -13.37 -15.84 0.13
CA LYS A 256 -13.01 -16.76 1.20
C LYS A 256 -12.09 -16.03 2.17
N SER A 257 -11.95 -16.57 3.36
CA SER A 257 -10.91 -16.11 4.26
C SER A 257 -9.74 -17.09 4.20
N PHE A 258 -8.53 -16.59 4.00
CA PHE A 258 -7.41 -17.51 4.09
C PHE A 258 -7.06 -17.89 5.55
N LEU A 259 -7.68 -17.24 6.53
CA LEU A 259 -7.34 -17.51 7.95
C LEU A 259 -7.64 -18.94 8.37
N THR A 260 -8.63 -19.53 7.69
CA THR A 260 -9.06 -20.91 7.94
C THR A 260 -8.73 -21.86 6.76
N SER A 261 -7.84 -21.45 5.85
CA SER A 261 -7.52 -22.26 4.67
C SER A 261 -6.40 -23.23 4.95
N ASP A 262 -6.46 -24.42 4.35
CA ASP A 262 -5.31 -25.35 4.38
C ASP A 262 -4.02 -24.66 3.94
N GLU A 263 -4.15 -23.77 2.96
CA GLU A 263 -3.01 -23.00 2.46
C GLU A 263 -2.30 -22.17 3.51
N TYR A 264 -3.08 -21.47 4.35
CA TYR A 264 -2.55 -20.70 5.46
C TYR A 264 -1.82 -21.63 6.44
N LYS A 265 -2.45 -22.76 6.77
CA LYS A 265 -1.80 -23.80 7.58
C LYS A 265 -0.47 -24.30 6.95
N GLU A 266 -0.46 -24.58 5.65
CA GLU A 266 0.80 -25.03 5.00
C GLU A 266 1.91 -23.95 5.04
N VAL A 267 1.54 -22.68 4.85
CA VAL A 267 2.50 -21.59 4.95
C VAL A 267 3.10 -21.58 6.35
N ILE A 268 2.27 -21.70 7.39
CA ILE A 268 2.75 -21.61 8.78
C ILE A 268 3.68 -22.79 9.13
N LYS A 269 3.32 -23.98 8.69
CA LYS A 269 4.17 -25.15 8.90
C LYS A 269 5.52 -24.97 8.20
N TYR A 270 5.51 -24.40 6.99
CA TYR A 270 6.74 -24.21 6.24
C TYR A 270 7.64 -23.22 6.98
N TYR A 271 7.07 -22.10 7.44
CA TYR A 271 7.83 -21.19 8.26
C TYR A 271 8.35 -21.84 9.53
N HIS A 272 7.56 -22.71 10.16
CA HIS A 272 8.04 -23.36 11.37
C HIS A 272 9.23 -24.25 11.09
N LYS A 273 9.17 -24.96 9.97
CA LYS A 273 10.32 -25.76 9.56
C LYS A 273 11.56 -24.87 9.38
N LEU A 274 11.41 -23.73 8.70
CA LEU A 274 12.54 -22.81 8.49
C LEU A 274 13.07 -22.19 9.80
N ILE A 275 12.17 -21.72 10.66
CA ILE A 275 12.58 -21.10 11.93
C ILE A 275 13.27 -22.14 12.81
N SER A 276 12.67 -23.31 12.89
N SER A 276 12.69 -23.33 12.92
CA SER A 276 13.18 -24.43 13.67
CA SER A 276 13.28 -24.37 13.77
C SER A 276 14.60 -24.83 13.25
C SER A 276 14.66 -24.83 13.26
N GLU A 277 14.91 -24.65 11.97
CA GLU A 277 16.22 -24.98 11.41
C GLU A 277 17.19 -23.84 11.49
N GLY A 278 16.82 -22.74 12.14
CA GLY A 278 17.74 -21.62 12.32
C GLY A 278 17.85 -20.75 11.07
N LEU A 279 16.89 -20.86 10.17
CA LEU A 279 17.00 -20.19 8.88
C LEU A 279 16.35 -18.80 8.85
N ILE A 280 15.60 -18.48 9.91
CA ILE A 280 14.95 -17.17 10.14
C ILE A 280 15.22 -16.87 11.62
N PRO A 281 15.49 -15.60 11.99
CA PRO A 281 15.88 -15.40 13.39
C PRO A 281 14.84 -15.85 14.40
N ALA A 282 15.34 -16.46 15.48
CA ALA A 282 14.49 -16.95 16.56
C ALA A 282 13.56 -15.85 17.10
N GLU A 283 14.08 -14.63 17.16
N GLU A 283 14.05 -14.63 17.27
CA GLU A 283 13.40 -13.50 17.78
CA GLU A 283 13.22 -13.54 17.85
C GLU A 283 12.62 -12.63 16.77
C GLU A 283 12.52 -12.66 16.81
N TRP A 284 12.31 -13.18 15.59
CA TRP A 284 11.61 -12.44 14.52
C TRP A 284 10.28 -11.82 14.98
N ALA A 285 9.56 -12.54 15.86
CA ALA A 285 8.17 -12.20 16.18
C ALA A 285 8.06 -10.98 17.06
N THR A 286 9.17 -10.58 17.68
CA THR A 286 9.13 -9.47 18.64
C THR A 286 10.04 -8.32 18.20
N LYS A 287 10.65 -8.47 17.03
CA LYS A 287 11.65 -7.51 16.60
C LYS A 287 10.98 -6.29 15.98
N ASP A 288 11.36 -5.11 16.45
CA ASP A 288 10.72 -3.89 16.00
C ASP A 288 11.12 -3.62 14.55
N ASP A 289 10.24 -2.98 13.77
CA ASP A 289 10.50 -2.64 12.38
C ASP A 289 11.90 -2.03 12.14
N ASP A 290 12.29 -1.05 12.94
CA ASP A 290 13.60 -0.41 12.80
C ASP A 290 14.79 -1.41 12.90
N ALA A 291 14.74 -2.30 13.89
CA ALA A 291 15.82 -3.28 14.03
C ALA A 291 15.80 -4.25 12.86
N TYR A 292 14.61 -4.64 12.45
CA TYR A 292 14.47 -5.54 11.33
C TYR A 292 15.10 -4.96 10.04
N ASN A 293 14.82 -3.69 9.74
CA ASN A 293 15.37 -3.05 8.55
C ASN A 293 16.89 -2.89 8.67
N ALA A 294 17.36 -2.57 9.89
CA ALA A 294 18.79 -2.42 10.11
C ALA A 294 19.55 -3.73 9.87
N ASP A 295 18.90 -4.87 10.10
CA ASP A 295 19.48 -6.18 9.79
C ASP A 295 19.94 -6.25 8.34
N GLN A 296 19.06 -5.84 7.43
CA GLN A 296 19.33 -5.88 5.98
C GLN A 296 20.35 -4.85 5.52
N ILE A 297 20.28 -3.65 6.08
N ILE A 297 20.27 -3.65 6.09
CA ILE A 297 21.18 -2.57 5.70
CA ILE A 297 21.16 -2.55 5.75
C ILE A 297 22.60 -2.80 6.23
C ILE A 297 22.59 -2.82 6.22
N SER A 298 22.70 -3.45 7.39
CA SER A 298 23.99 -3.83 7.98
C SER A 298 24.85 -2.57 8.08
N ASP A 299 26.13 -2.68 7.73
CA ASP A 299 27.04 -1.55 7.76
C ASP A 299 27.31 -0.96 6.36
N GLY A 300 26.55 -1.39 5.37
CA GLY A 300 26.73 -0.93 3.99
C GLY A 300 27.93 -1.53 3.29
N LYS A 301 28.67 -2.40 4.00
CA LYS A 301 29.84 -3.08 3.44
C LYS A 301 29.69 -4.60 3.32
N THR A 302 29.19 -5.22 4.38
CA THR A 302 28.97 -6.67 4.40
C THR A 302 27.47 -6.98 4.45
N ALA A 303 27.00 -7.68 3.43
CA ALA A 303 25.61 -8.11 3.38
C ALA A 303 25.36 -9.17 4.45
N LYS A 304 24.20 -9.09 5.09
CA LYS A 304 23.87 -10.04 6.16
C LYS A 304 22.68 -10.96 5.82
N THR A 305 21.78 -10.51 4.96
CA THR A 305 20.50 -11.17 4.79
C THR A 305 20.33 -11.73 3.38
N GLY A 306 19.90 -12.98 3.29
CA GLY A 306 19.80 -13.65 1.99
C GLY A 306 18.54 -13.33 1.24
N VAL A 307 17.40 -13.33 1.96
CA VAL A 307 16.04 -13.25 1.37
C VAL A 307 15.18 -12.38 2.29
N VAL A 308 14.44 -11.42 1.71
CA VAL A 308 13.41 -10.66 2.40
C VAL A 308 12.27 -10.36 1.43
N PHE A 309 11.12 -9.95 1.97
CA PHE A 309 10.10 -9.27 1.17
C PHE A 309 10.30 -7.79 1.34
N GLY A 310 10.20 -7.05 0.24
CA GLY A 310 10.42 -5.61 0.31
C GLY A 310 10.12 -4.88 -0.97
N TRP A 311 10.47 -3.60 -0.99
CA TRP A 311 10.19 -2.75 -2.16
C TRP A 311 11.16 -3.04 -3.31
N SER A 312 12.46 -2.93 -3.03
CA SER A 312 13.50 -2.96 -4.04
C SER A 312 14.88 -3.18 -3.41
N PRO A 313 15.84 -3.74 -4.19
CA PRO A 313 17.20 -3.87 -3.69
C PRO A 313 17.72 -2.56 -3.11
N SER A 314 17.49 -1.45 -3.78
CA SER A 314 17.99 -0.19 -3.29
C SER A 314 17.27 0.25 -2.01
N ASP A 315 15.95 0.13 -1.96
CA ASP A 315 15.22 0.58 -0.78
C ASP A 315 15.55 -0.26 0.45
N ASN A 316 15.70 -1.57 0.25
CA ASN A 316 15.92 -2.45 1.36
C ASN A 316 17.38 -2.70 1.73
N PHE A 317 18.29 -2.53 0.77
CA PHE A 317 19.70 -2.87 1.03
C PHE A 317 20.69 -1.71 0.82
N GLY A 318 20.18 -0.55 0.39
CA GLY A 318 21.02 0.64 0.17
C GLY A 318 22.29 0.34 -0.60
N LYS A 319 23.43 0.67 -0.01
CA LYS A 319 24.73 0.52 -0.70
C LYS A 319 25.03 -0.92 -1.15
N LEU A 320 24.37 -1.90 -0.56
CA LEU A 320 24.58 -3.30 -0.95
C LEU A 320 23.71 -3.74 -2.12
N LYS A 321 22.94 -2.82 -2.69
CA LYS A 321 21.90 -3.16 -3.69
C LYS A 321 22.32 -4.02 -4.90
N ASP A 322 23.57 -3.90 -5.36
CA ASP A 322 23.98 -4.63 -6.57
C ASP A 322 24.08 -6.13 -6.38
N GLN A 323 24.12 -6.57 -5.13
CA GLN A 323 24.10 -8.00 -4.80
C GLN A 323 22.70 -8.64 -4.93
N TYR A 324 21.67 -7.81 -5.02
CA TYR A 324 20.29 -8.29 -4.83
C TYR A 324 19.45 -8.15 -6.08
N ILE A 325 18.52 -9.10 -6.29
CA ILE A 325 17.51 -9.01 -7.36
C ILE A 325 16.15 -9.38 -6.80
N ALA A 326 15.09 -9.02 -7.50
CA ALA A 326 13.77 -9.58 -7.20
C ALA A 326 13.66 -10.96 -7.87
N PRO A 328 10.83 -14.39 -8.78
CA PRO A 328 9.47 -14.87 -8.76
C PRO A 328 9.26 -15.73 -7.51
N VAL A 329 8.06 -15.75 -6.95
CA VAL A 329 7.86 -16.57 -5.76
C VAL A 329 7.96 -18.09 -6.07
N PRO A 330 8.65 -18.89 -5.22
CA PRO A 330 8.69 -20.37 -5.38
C PRO A 330 7.29 -20.96 -5.22
N SER A 331 7.03 -22.05 -5.93
CA SER A 331 5.75 -22.76 -5.82
C SER A 331 5.72 -23.67 -4.59
N ALA A 332 4.54 -23.73 -3.95
CA ALA A 332 4.31 -24.69 -2.85
C ALA A 332 4.13 -26.09 -3.45
N PRO A 333 4.37 -27.15 -2.65
CA PRO A 333 4.11 -28.50 -3.13
C PRO A 333 2.72 -28.69 -3.72
N GLY A 334 2.64 -29.32 -4.87
CA GLY A 334 1.35 -29.57 -5.54
C GLY A 334 0.89 -28.40 -6.38
N VAL A 335 1.61 -27.28 -6.34
CA VAL A 335 1.17 -26.10 -7.07
C VAL A 335 2.07 -25.88 -8.28
N SER A 336 1.47 -25.95 -9.47
CA SER A 336 2.23 -25.83 -10.71
C SER A 336 2.71 -24.39 -10.94
N PRO A 337 3.81 -24.20 -11.72
CA PRO A 337 4.24 -22.83 -12.00
C PRO A 337 3.08 -22.00 -12.57
N ASP A 338 2.26 -22.60 -13.45
CA ASP A 338 1.07 -21.93 -14.04
C ASP A 338 0.04 -21.49 -13.01
N GLN A 339 -0.06 -22.24 -11.92
CA GLN A 339 -1.00 -21.96 -10.83
C GLN A 339 -0.41 -21.04 -9.74
N THR A 340 0.89 -20.77 -9.83
CA THR A 340 1.55 -19.94 -8.83
C THR A 340 1.32 -18.47 -9.20
N VAL A 341 0.94 -17.67 -8.21
CA VAL A 341 0.53 -16.30 -8.44
C VAL A 341 1.47 -15.32 -7.71
N TRP A 342 1.28 -14.02 -7.90
CA TRP A 342 1.97 -13.06 -7.08
C TRP A 342 0.98 -11.96 -6.65
N ASP A 343 1.34 -11.18 -5.65
CA ASP A 343 0.49 -10.15 -5.09
C ASP A 343 -0.14 -9.27 -6.17
N GLY A 344 -1.46 -9.07 -6.07
CA GLY A 344 -2.22 -8.35 -7.07
C GLY A 344 -2.42 -6.87 -6.84
N SER A 345 -1.73 -6.29 -5.87
CA SER A 345 -1.89 -4.84 -5.58
C SER A 345 -1.45 -3.93 -6.74
N SER A 346 -1.94 -2.69 -6.71
CA SER A 346 -1.41 -1.63 -7.53
C SER A 346 -0.99 -0.50 -6.61
N SER A 347 0.14 0.12 -6.88
CA SER A 347 0.61 1.24 -6.06
C SER A 347 0.17 2.62 -6.59
N GLU A 348 -0.65 2.63 -7.65
CA GLU A 348 -0.96 3.86 -8.36
C GLU A 348 -2.11 4.65 -7.72
N LEU A 349 -3.27 3.98 -7.63
CA LEU A 349 -4.50 4.60 -7.13
C LEU A 349 -4.71 4.41 -5.65
N SER A 350 -5.35 5.40 -5.05
CA SER A 350 -5.53 5.44 -3.62
C SER A 350 -6.87 6.10 -3.34
N PRO A 351 -7.74 5.45 -2.52
CA PRO A 351 -9.08 6.01 -2.37
C PRO A 351 -9.07 7.19 -1.44
N ALA A 352 -10.17 7.95 -1.45
CA ALA A 352 -10.43 8.99 -0.45
C ALA A 352 -9.42 10.13 -0.36
N GLY A 353 -9.10 10.72 -1.49
CA GLY A 353 -8.19 11.84 -1.51
C GLY A 353 -8.88 13.18 -1.31
N LEU A 354 -9.93 13.45 -2.10
CA LEU A 354 -10.62 14.73 -2.01
C LEU A 354 -12.08 14.66 -1.55
N SER A 355 -12.41 15.47 -0.54
N SER A 355 -12.41 15.46 -0.54
CA SER A 355 -13.80 15.66 -0.10
CA SER A 355 -13.81 15.65 -0.10
C SER A 355 -14.10 17.14 0.17
C SER A 355 -14.08 17.15 0.10
N ILE A 356 -15.31 17.56 -0.15
CA ILE A 356 -15.69 18.96 -0.02
C ILE A 356 -16.85 19.08 0.94
N SER A 357 -16.75 20.05 1.84
CA SER A 357 -17.81 20.36 2.78
C SER A 357 -19.08 20.76 2.03
N SER A 358 -20.20 20.16 2.37
CA SER A 358 -21.48 20.65 1.82
C SER A 358 -21.76 22.11 2.28
N HIS A 359 -21.20 22.49 3.43
CA HIS A 359 -21.36 23.84 3.99
C HIS A 359 -20.26 24.84 3.57
N ALA A 360 -19.50 24.52 2.51
CA ALA A 360 -18.45 25.41 2.05
C ALA A 360 -19.01 26.83 1.87
N ALA A 361 -18.35 27.80 2.48
CA ALA A 361 -18.76 29.21 2.35
C ALA A 361 -18.84 29.63 0.88
N ASN A 362 -17.78 29.36 0.14
CA ASN A 362 -17.71 29.64 -1.29
C ASN A 362 -17.61 28.33 -2.10
N LYS A 363 -18.76 27.70 -2.39
CA LYS A 363 -18.77 26.39 -3.04
C LYS A 363 -18.12 26.35 -4.44
N ASP A 364 -18.44 27.32 -5.30
CA ASP A 364 -17.82 27.39 -6.61
C ASP A 364 -16.29 27.52 -6.55
N ALA A 365 -15.78 28.37 -5.64
CA ALA A 365 -14.33 28.45 -5.46
C ALA A 365 -13.75 27.11 -4.99
N ALA A 366 -14.43 26.43 -4.08
CA ALA A 366 -13.99 25.12 -3.61
C ALA A 366 -13.82 24.18 -4.80
N LEU A 367 -14.84 24.15 -5.68
CA LEU A 367 -14.82 23.24 -6.84
C LEU A 367 -13.74 23.62 -7.83
N LYS A 368 -13.53 24.92 -7.97
CA LYS A 368 -12.47 25.42 -8.84
C LYS A 368 -11.09 25.00 -8.31
N LEU A 369 -10.91 25.07 -7.00
CA LEU A 369 -9.66 24.66 -6.40
C LEU A 369 -9.44 23.14 -6.61
N ALA A 370 -10.50 22.36 -6.40
CA ALA A 370 -10.41 20.92 -6.53
C ALA A 370 -10.10 20.54 -7.99
N ASN A 371 -10.72 21.23 -8.94
CA ASN A 371 -10.46 20.89 -10.32
C ASN A 371 -9.00 21.17 -10.68
N LEU A 372 -8.46 22.28 -10.16
CA LEU A 372 -7.07 22.64 -10.43
C LEU A 372 -6.09 21.63 -9.83
N LEU A 373 -6.44 21.05 -8.68
CA LEU A 373 -5.60 20.03 -8.02
C LEU A 373 -5.46 18.78 -8.88
N TYR A 374 -6.47 18.50 -9.69
CA TYR A 374 -6.45 17.37 -10.61
C TYR A 374 -5.88 17.68 -12.01
N SER A 375 -5.44 18.91 -12.24
CA SER A 375 -4.70 19.19 -13.48
C SER A 375 -3.28 18.67 -13.39
N GLU A 376 -2.68 18.43 -14.56
CA GLU A 376 -1.35 17.86 -14.64
C GLU A 376 -0.34 18.78 -13.94
N LYS A 377 -0.47 20.09 -14.20
CA LYS A 377 0.42 21.06 -13.62
C LYS A 377 0.48 20.94 -12.11
N TYR A 378 -0.67 20.88 -11.45
CA TYR A 378 -0.65 20.83 -10.01
C TYR A 378 -0.50 19.40 -9.46
N SER A 379 -0.85 18.40 -10.26
CA SER A 379 -0.70 17.03 -9.75
C SER A 379 0.77 16.64 -9.70
N VAL A 380 1.51 16.97 -10.74
CA VAL A 380 2.94 16.73 -10.79
C VAL A 380 3.72 17.50 -9.71
N GLN A 381 3.34 18.75 -9.49
CA GLN A 381 3.99 19.57 -8.47
C GLN A 381 3.68 19.13 -7.04
N GLN A 382 2.43 18.72 -6.79
CA GLN A 382 2.12 18.09 -5.53
C GLN A 382 3.03 16.88 -5.32
N PHE A 383 3.19 16.09 -6.37
CA PHE A 383 3.94 14.85 -6.24
C PHE A 383 5.44 15.08 -5.99
N LEU A 384 6.04 15.93 -6.80
CA LEU A 384 7.50 16.04 -6.85
C LEU A 384 8.04 17.44 -6.51
N GLY A 385 7.16 18.33 -6.05
CA GLY A 385 7.55 19.69 -5.69
C GLY A 385 7.42 20.72 -6.80
N SER A 386 7.58 21.99 -6.43
CA SER A 386 7.48 23.08 -7.39
C SER A 386 8.47 22.98 -8.56
N PHE A 387 8.05 23.41 -9.75
CA PHE A 387 8.95 23.52 -10.91
C PHE A 387 10.11 24.47 -10.59
N GLY A 388 11.31 24.10 -11.00
CA GLY A 388 12.50 24.87 -10.70
C GLY A 388 13.19 24.51 -9.40
N LYS A 389 12.49 23.80 -8.53
CA LYS A 389 13.04 23.40 -7.22
C LYS A 389 13.80 22.09 -7.38
N ALA A 390 13.13 20.94 -7.27
CA ALA A 390 13.79 19.67 -7.51
C ALA A 390 13.33 18.98 -8.79
N ILE A 391 12.41 19.60 -9.50
CA ILE A 391 11.89 19.04 -10.75
C ILE A 391 11.79 20.15 -11.80
N THR A 392 12.15 19.84 -13.05
CA THR A 392 12.03 20.83 -14.11
C THR A 392 11.13 20.30 -15.23
N LYS A 393 10.26 21.17 -15.74
CA LYS A 393 9.38 20.83 -16.86
C LYS A 393 10.20 21.02 -18.13
N THR A 394 10.51 19.93 -18.84
CA THR A 394 11.29 20.03 -20.07
C THR A 394 10.43 20.07 -21.34
N GLY A 395 9.14 19.79 -21.20
CA GLY A 395 8.21 19.74 -22.32
C GLY A 395 6.77 19.79 -21.83
N GLU A 396 5.82 19.83 -22.75
CA GLU A 396 4.41 19.93 -22.35
C GLU A 396 3.97 18.86 -21.34
N HIS A 397 4.48 17.63 -21.51
CA HIS A 397 4.16 16.54 -20.61
C HIS A 397 5.42 15.82 -20.12
N GLU A 398 6.52 16.55 -20.01
CA GLU A 398 7.80 15.93 -19.66
C GLU A 398 8.53 16.67 -18.58
N TYR A 399 9.06 15.89 -17.64
CA TYR A 399 9.66 16.41 -16.44
C TYR A 399 10.92 15.63 -16.09
N THR A 400 11.90 16.33 -15.53
CA THR A 400 13.11 15.68 -15.04
C THR A 400 13.30 16.03 -13.58
N VAL A 401 13.47 14.99 -12.76
CA VAL A 401 13.74 15.17 -11.35
C VAL A 401 15.25 15.25 -11.12
N ASP A 402 15.66 16.19 -10.28
CA ASP A 402 17.04 16.29 -9.82
C ASP A 402 17.15 15.59 -8.46
N ASN A 403 17.72 14.40 -8.49
CA ASN A 403 17.71 13.49 -7.36
C ASN A 403 18.52 13.85 -6.14
N ASP A 404 19.71 14.40 -6.39
CA ASP A 404 20.56 14.96 -5.35
C ASP A 404 19.72 15.90 -4.53
N LYS A 405 19.02 16.78 -5.24
CA LYS A 405 18.26 17.85 -4.64
C LYS A 405 17.09 17.31 -3.84
N LEU A 406 16.36 16.37 -4.42
CA LEU A 406 15.21 15.79 -3.73
C LEU A 406 15.63 15.04 -2.45
N SER A 407 16.75 14.33 -2.50
CA SER A 407 17.28 13.63 -1.33
C SER A 407 17.74 14.60 -0.24
N GLN A 408 18.39 15.68 -0.65
CA GLN A 408 18.84 16.71 0.27
C GLN A 408 17.62 17.34 0.98
N LEU A 409 16.62 17.73 0.19
CA LEU A 409 15.40 18.33 0.75
C LEU A 409 14.71 17.40 1.74
N THR A 410 14.53 16.14 1.35
CA THR A 410 13.98 15.05 2.20
C THR A 410 14.74 14.85 3.49
N GLY A 411 16.07 14.77 3.40
CA GLY A 411 16.91 14.69 4.58
C GLY A 411 16.70 15.85 5.54
N ASP A 412 16.52 17.06 4.99
CA ASP A 412 16.33 18.28 5.80
C ASP A 412 14.87 18.48 6.26
N ASN A 413 14.03 17.45 6.12
CA ASN A 413 12.59 17.56 6.39
C ASN A 413 11.92 18.70 5.61
N GLN A 414 12.38 18.89 4.37
CA GLN A 414 11.85 19.92 3.50
C GLN A 414 11.45 19.36 2.14
N TYR A 415 10.79 18.20 2.14
CA TYR A 415 10.28 17.65 0.90
C TYR A 415 9.31 18.68 0.28
N PRO A 416 9.49 19.02 -1.02
CA PRO A 416 8.82 20.21 -1.56
C PRO A 416 7.37 19.99 -2.00
N GLY A 417 6.83 18.81 -1.75
CA GLY A 417 5.45 18.51 -2.10
C GLY A 417 4.77 17.56 -1.16
N LEU A 418 3.67 16.98 -1.61
CA LEU A 418 2.89 16.02 -0.82
C LEU A 418 3.26 14.57 -1.10
N SER A 419 4.04 14.34 -2.16
CA SER A 419 4.55 12.99 -2.47
C SER A 419 3.38 12.02 -2.59
N GLU A 420 3.43 10.88 -1.92
CA GLU A 420 2.35 9.91 -2.04
C GLU A 420 0.98 10.41 -1.49
N LEU A 421 0.98 11.53 -0.77
CA LEU A 421 -0.26 12.13 -0.26
C LEU A 421 -0.85 13.17 -1.22
N LEU A 422 -0.45 13.10 -2.49
CA LEU A 422 -0.99 14.03 -3.47
C LEU A 422 -2.48 13.72 -3.64
N VAL A 423 -3.24 14.76 -3.95
CA VAL A 423 -4.63 14.57 -4.24
C VAL A 423 -4.79 15.19 -5.62
N GLY A 424 -4.91 14.34 -6.63
CA GLY A 424 -4.78 14.75 -8.03
C GLY A 424 -4.49 13.47 -8.76
N TRP A 425 -4.00 13.57 -9.99
CA TRP A 425 -3.67 12.35 -10.73
C TRP A 425 -2.58 12.65 -11.74
N ILE A 426 -1.65 11.71 -11.90
CA ILE A 426 -0.58 11.84 -12.90
C ILE A 426 -1.08 11.09 -14.12
N PRO A 427 -1.32 11.82 -15.23
CA PRO A 427 -1.90 11.21 -16.43
C PRO A 427 -0.89 10.33 -17.17
N ASP A 428 -1.38 9.36 -17.96
CA ASP A 428 -0.48 8.43 -18.67
C ASP A 428 0.40 9.14 -19.68
N GLU A 429 -0.07 10.28 -20.16
CA GLU A 429 0.72 11.02 -21.16
C GLU A 429 1.95 11.70 -20.53
N ALA A 430 2.02 11.77 -19.20
CA ALA A 430 3.19 12.36 -18.53
C ALA A 430 4.35 11.39 -18.42
N THR A 431 5.54 11.87 -18.80
CA THR A 431 6.79 11.13 -18.67
C THR A 431 7.67 11.89 -17.68
N ILE A 432 7.98 11.23 -16.57
CA ILE A 432 8.86 11.76 -15.52
C ILE A 432 10.18 10.98 -15.51
N LYS A 433 11.28 11.70 -15.73
CA LYS A 433 12.64 11.14 -15.65
C LYS A 433 13.24 11.39 -14.27
N GLY A 434 13.88 10.37 -13.68
CA GLY A 434 14.62 10.52 -12.42
C GLY A 434 13.85 10.29 -11.13
N ASP A 435 12.62 9.80 -11.19
CA ASP A 435 11.91 9.37 -9.96
C ASP A 435 12.48 7.99 -9.62
N THR A 436 13.53 7.95 -8.81
CA THR A 436 14.24 6.68 -8.56
C THR A 436 13.33 5.63 -7.89
N HIS A 437 12.42 6.11 -7.03
CA HIS A 437 11.45 5.28 -6.35
C HIS A 437 10.55 4.56 -7.39
N ALA A 438 10.22 5.25 -8.49
CA ALA A 438 9.43 4.68 -9.58
C ALA A 438 10.28 3.77 -10.47
N ASP A 439 11.45 4.26 -10.90
CA ASP A 439 12.39 3.46 -11.70
C ASP A 439 12.75 2.09 -11.09
N GLU A 440 13.01 2.04 -9.78
CA GLU A 440 13.32 0.77 -9.12
C GLU A 440 12.09 -0.13 -9.09
N LEU A 441 10.92 0.49 -8.96
CA LEU A 441 9.66 -0.26 -8.93
C LEU A 441 9.42 -0.93 -10.29
N ILE A 442 9.55 -0.16 -11.35
CA ILE A 442 9.42 -0.65 -12.72
C ILE A 442 10.32 -1.87 -12.96
N GLU A 443 11.60 -1.77 -12.59
CA GLU A 443 12.51 -2.87 -12.79
C GLU A 443 12.14 -4.19 -12.04
N VAL A 444 11.83 -4.08 -10.74
CA VAL A 444 11.40 -5.28 -9.98
C VAL A 444 10.04 -5.81 -10.44
N ASN A 445 9.16 -4.93 -10.92
CA ASN A 445 7.84 -5.41 -11.33
C ASN A 445 7.87 -6.25 -12.59
N LYS A 446 8.88 -6.06 -13.42
CA LYS A 446 9.12 -6.92 -14.60
C LYS A 446 9.24 -8.37 -14.21
N VAL A 447 9.84 -8.63 -13.05
CA VAL A 447 10.05 -9.97 -12.59
C VAL A 447 8.73 -10.71 -12.33
N TYR A 448 7.67 -9.96 -11.99
CA TYR A 448 6.40 -10.55 -11.54
C TYR A 448 5.30 -10.63 -12.59
N GLU A 449 5.58 -10.11 -13.77
CA GLU A 449 4.58 -10.08 -14.84
C GLU A 449 4.06 -11.47 -15.17
N GLU A 450 4.94 -12.44 -15.31
CA GLU A 450 4.46 -13.81 -15.54
C GLU A 450 3.51 -14.34 -14.45
N GLN A 451 3.96 -14.38 -13.19
CA GLN A 451 3.09 -14.85 -12.08
C GLN A 451 1.81 -14.05 -11.91
N ARG A 452 1.90 -12.71 -12.05
CA ARG A 452 0.68 -11.90 -12.02
C ARG A 452 -0.31 -12.21 -13.15
N SER A 453 0.20 -12.62 -14.31
CA SER A 453 -0.69 -13.03 -15.39
C SER A 453 -1.46 -14.34 -15.10
N HIS A 454 -1.12 -15.01 -14.01
CA HIS A 454 -1.72 -16.30 -13.69
C HIS A 454 -3.04 -16.22 -12.92
N PHE A 455 -3.55 -15.02 -12.70
CA PHE A 455 -4.84 -14.89 -12.03
C PHE A 455 -5.74 -13.88 -12.78
N ASP A 456 -7.05 -14.03 -12.65
CA ASP A 456 -8.03 -13.08 -13.20
C ASP A 456 -8.14 -11.90 -12.22
N PRO A 457 -7.87 -10.66 -12.66
CA PRO A 457 -7.85 -9.55 -11.69
C PRO A 457 -9.20 -9.22 -11.09
N VAL A 458 -10.26 -9.82 -11.64
CA VAL A 458 -11.61 -9.65 -11.10
C VAL A 458 -12.07 -10.92 -10.37
N LYS A 459 -11.94 -12.10 -10.99
CA LYS A 459 -12.50 -13.32 -10.43
C LYS A 459 -11.62 -13.90 -9.31
N ASP A 460 -10.34 -13.54 -9.32
CA ASP A 460 -9.34 -14.11 -8.40
C ASP A 460 -8.66 -13.08 -7.51
N TYR A 461 -9.24 -11.89 -7.45
CA TYR A 461 -8.70 -10.78 -6.68
C TYR A 461 -9.88 -9.89 -6.38
N ILE A 462 -10.05 -9.53 -5.12
CA ILE A 462 -11.12 -8.59 -4.75
C ILE A 462 -10.63 -7.17 -5.07
N PRO A 463 -11.24 -6.51 -6.07
CA PRO A 463 -10.62 -5.26 -6.51
C PRO A 463 -10.59 -4.14 -5.46
N ASP A 464 -9.69 -3.18 -5.70
CA ASP A 464 -9.34 -2.17 -4.71
C ASP A 464 -10.50 -1.22 -4.44
N TYR A 465 -11.44 -1.16 -5.39
CA TYR A 465 -12.62 -0.33 -5.16
C TYR A 465 -13.67 -1.01 -4.27
N VAL A 466 -13.42 -2.27 -3.89
CA VAL A 466 -14.28 -2.96 -2.93
C VAL A 466 -13.58 -2.87 -1.57
N ASN A 467 -14.01 -1.90 -0.77
CA ASN A 467 -13.35 -1.63 0.50
C ASN A 467 -14.35 -1.05 1.51
N ASP A 469 -14.68 1.53 3.06
CA ASP A 469 -15.01 2.92 2.84
C ASP A 469 -16.09 3.12 1.75
N ASN A 470 -16.30 2.09 0.93
CA ASN A 470 -17.33 2.08 -0.11
C ASN A 470 -18.58 1.21 0.19
N ASP A 472 -22.13 0.54 3.04
CA ASP A 472 -23.03 1.10 4.07
C ASP A 472 -22.27 1.20 5.42
N PRO A 473 -22.53 2.25 6.21
CA PRO A 473 -21.94 2.30 7.56
C PRO A 473 -22.32 1.13 8.47
N SER A 474 -23.51 0.57 8.30
CA SER A 474 -23.88 -0.56 9.14
C SER A 474 -23.07 -1.80 8.79
N ASP A 475 -22.68 -1.95 7.53
CA ASP A 475 -21.87 -3.09 7.14
C ASP A 475 -20.41 -2.91 7.58
N ALA A 476 -19.89 -1.70 7.43
CA ALA A 476 -18.54 -1.35 7.90
C ALA A 476 -18.39 -1.64 9.40
N THR A 477 -19.40 -1.21 10.16
CA THR A 477 -19.53 -1.44 11.61
C THR A 477 -19.50 -2.93 11.99
N LYS A 478 -20.26 -3.77 11.29
CA LYS A 478 -20.15 -5.22 11.48
C LYS A 478 -18.74 -5.74 11.22
N LEU A 479 -18.14 -5.29 10.13
CA LEU A 479 -16.84 -5.79 9.76
C LEU A 479 -15.78 -5.39 10.78
N ASN A 480 -15.84 -4.14 11.26
CA ASN A 480 -14.95 -3.66 12.34
C ASN A 480 -15.13 -4.39 13.67
N THR A 481 -16.38 -4.60 14.05
CA THR A 481 -16.69 -5.34 15.27
C THR A 481 -16.11 -6.76 15.14
N ASN A 482 -16.35 -7.41 14.01
CA ASN A 482 -15.88 -8.78 13.81
C ASN A 482 -14.36 -8.85 13.74
N ASN A 483 -13.78 -7.82 13.15
CA ASN A 483 -12.32 -7.73 13.04
C ASN A 483 -11.64 -7.67 14.39
N ALA A 484 -12.28 -7.03 15.37
CA ALA A 484 -11.72 -6.94 16.71
C ALA A 484 -11.75 -8.29 17.39
N GLU A 485 -12.77 -9.10 17.11
CA GLU A 485 -12.81 -10.47 17.64
C GLU A 485 -11.88 -11.40 16.85
N ILE A 486 -11.87 -11.30 15.52
CA ILE A 486 -11.03 -12.16 14.67
C ILE A 486 -9.54 -11.94 15.01
N PHE A 487 -9.15 -10.67 15.06
CA PHE A 487 -7.77 -10.35 15.34
C PHE A 487 -7.53 -10.09 16.85
N ASN A 488 -8.32 -10.74 17.72
CA ASN A 488 -8.04 -10.77 19.16
C ASN A 488 -6.81 -11.66 19.44
N THR A 489 -6.79 -12.89 18.90
CA THR A 489 -5.67 -13.83 19.13
C THR A 489 -5.05 -14.48 17.87
N THR A 490 -5.61 -14.19 16.69
CA THR A 490 -5.15 -14.81 15.45
C THR A 490 -3.67 -14.57 15.12
N GLN A 492 -1.30 -13.61 17.18
CA GLN A 492 -0.54 -14.14 18.30
C GLN A 492 -0.39 -15.66 18.12
N LYS A 493 -1.50 -16.34 17.83
CA LYS A 493 -1.48 -17.77 17.61
C LYS A 493 -0.68 -18.15 16.37
N THR A 494 -0.81 -17.34 15.31
CA THR A 494 -0.05 -17.55 14.07
C THR A 494 1.46 -17.50 14.36
N ALA A 495 1.90 -16.45 15.06
CA ALA A 495 3.31 -16.28 15.41
C ALA A 495 3.81 -17.46 16.25
N THR A 496 3.00 -17.87 17.23
CA THR A 496 3.38 -18.97 18.13
C THR A 496 3.54 -20.29 17.38
N TRP A 497 2.61 -20.59 16.48
CA TRP A 497 2.73 -21.75 15.61
C TRP A 497 3.98 -21.71 14.74
N SER A 499 6.84 -20.05 15.34
CA SER A 499 7.98 -20.25 16.22
C SER A 499 8.05 -21.61 16.95
N LYS A 500 6.93 -22.06 17.50
CA LYS A 500 6.92 -23.23 18.41
C LYS A 500 6.27 -24.50 17.88
N GLY A 501 5.65 -24.44 16.71
CA GLY A 501 4.88 -25.55 16.18
C GLY A 501 3.56 -25.79 16.89
N GLY A 502 2.99 -26.98 16.70
CA GLY A 502 1.74 -27.35 17.35
C GLY A 502 0.46 -27.04 16.58
N ILE A 503 0.58 -26.56 15.34
CA ILE A 503 -0.59 -26.17 14.57
C ILE A 503 -1.53 -27.35 14.28
N ASP A 504 -0.98 -28.50 13.90
CA ASP A 504 -1.80 -29.65 13.47
C ASP A 504 -2.89 -29.99 14.49
N GLU A 505 -2.46 -30.16 15.74
N GLU A 505 -2.48 -30.08 15.75
CA GLU A 505 -3.34 -30.42 16.87
CA GLU A 505 -3.38 -30.44 16.84
C GLU A 505 -4.42 -29.35 17.07
C GLU A 505 -4.33 -29.34 17.29
N GLU A 506 -4.02 -28.08 16.96
CA GLU A 506 -4.85 -26.93 17.41
C GLU A 506 -5.69 -26.28 16.31
N TRP A 507 -5.42 -26.67 15.06
CA TRP A 507 -6.04 -26.08 13.88
C TRP A 507 -7.58 -26.10 13.86
N ASP A 508 -8.17 -27.29 14.03
CA ASP A 508 -9.64 -27.46 14.00
C ASP A 508 -10.38 -26.59 15.00
N ALA A 509 -9.94 -26.61 16.25
CA ALA A 509 -10.56 -25.76 17.27
C ALA A 509 -10.37 -24.29 16.94
N TYR A 510 -9.20 -23.91 16.44
CA TYR A 510 -8.96 -22.53 16.06
C TYR A 510 -9.93 -22.08 14.97
N CYS A 511 -10.16 -22.93 13.97
CA CYS A 511 -11.05 -22.55 12.85
C CYS A 511 -12.48 -22.39 13.32
N LYS A 512 -12.98 -23.38 14.06
CA LYS A 512 -14.33 -23.34 14.60
C LYS A 512 -14.56 -22.10 15.47
N GLN A 513 -13.54 -21.74 16.25
N GLN A 513 -13.54 -21.77 16.26
CA GLN A 513 -13.59 -20.56 17.09
CA GLN A 513 -13.58 -20.56 17.08
C GLN A 513 -13.69 -19.26 16.29
C GLN A 513 -13.80 -19.34 16.18
N LEU A 514 -12.93 -19.15 15.19
CA LEU A 514 -13.06 -18.00 14.28
C LEU A 514 -14.44 -17.92 13.65
N ASP A 515 -14.97 -19.06 13.23
CA ASP A 515 -16.31 -19.10 12.61
C ASP A 515 -17.42 -18.81 13.61
N SER A 516 -17.15 -19.08 14.88
CA SER A 516 -18.13 -18.88 15.94
C SER A 516 -18.21 -17.41 16.36
N ILE A 517 -17.20 -16.62 16.01
CA ILE A 517 -17.20 -15.22 16.44
C ILE A 517 -17.36 -14.24 15.27
N GLY A 518 -17.80 -14.78 14.15
CA GLY A 518 -18.24 -13.95 13.02
C GLY A 518 -17.49 -13.98 11.71
N LEU A 519 -16.46 -14.84 11.59
CA LEU A 519 -15.66 -14.89 10.37
C LEU A 519 -16.49 -15.15 9.11
N GLN A 520 -17.44 -16.09 9.22
CA GLN A 520 -18.27 -16.46 8.08
C GLN A 520 -19.23 -15.35 7.73
N GLU A 521 -19.63 -14.57 8.73
CA GLU A 521 -20.45 -13.38 8.49
C GLU A 521 -19.68 -12.34 7.69
N SER A 522 -18.44 -12.09 8.10
CA SER A 522 -17.56 -11.18 7.38
C SER A 522 -17.35 -11.61 5.95
N THR A 523 -17.02 -12.87 5.76
CA THR A 523 -16.88 -13.44 4.41
C THR A 523 -18.12 -13.16 3.53
N LYS A 524 -19.30 -13.39 4.10
CA LYS A 524 -20.56 -13.17 3.40
C LYS A 524 -20.78 -11.69 3.07
N ILE A 525 -20.45 -10.81 4.00
CA ILE A 525 -20.54 -9.39 3.74
C ILE A 525 -19.59 -8.92 2.62
N TRP A 526 -18.33 -9.33 2.68
CA TRP A 526 -17.41 -9.06 1.56
C TRP A 526 -17.89 -9.64 0.23
N GLN A 527 -18.43 -10.85 0.25
CA GLN A 527 -19.02 -11.43 -0.98
C GLN A 527 -20.09 -10.52 -1.57
N LYS A 528 -20.92 -9.94 -0.70
CA LYS A 528 -22.05 -9.14 -1.16
C LYS A 528 -21.52 -7.87 -1.82
N TRP A 529 -20.57 -7.20 -1.17
CA TRP A 529 -20.02 -5.99 -1.76
C TRP A 529 -19.19 -6.25 -3.03
N TYR A 530 -18.42 -7.34 -3.01
CA TYR A 530 -17.70 -7.81 -4.19
C TYR A 530 -18.66 -7.98 -5.39
N ASP A 531 -19.76 -8.71 -5.19
CA ASP A 531 -20.79 -8.92 -6.21
C ASP A 531 -21.45 -7.62 -6.63
N THR A 532 -21.74 -6.75 -5.69
CA THR A 532 -22.38 -5.45 -6.02
C THR A 532 -21.51 -4.64 -6.99
N TYR A 533 -20.21 -4.60 -6.72
CA TYR A 533 -19.30 -3.78 -7.53
C TYR A 533 -18.72 -4.46 -8.78
N THR A 534 -18.95 -5.76 -8.91
CA THR A 534 -18.20 -6.61 -9.80
C THR A 534 -19.10 -7.44 -10.73
N LYS A 535 -20.27 -7.87 -10.21
CA LYS A 535 -21.18 -8.81 -10.90
C LYS A 535 -22.53 -8.15 -11.19
#